data_8KG4
#
_entry.id   8KG4
#
_cell.length_a   41.825
_cell.length_b   50.853
_cell.length_c   125.488
_cell.angle_alpha   90.00
_cell.angle_beta   90.00
_cell.angle_gamma   90.00
#
_symmetry.space_group_name_H-M   'P 21 21 21'
#
loop_
_entity.id
_entity.type
_entity.pdbx_description
1 polymer 'LPXTG-motif cell wall anchor domain protein'
2 non-polymer 'IODIDE ION'
3 non-polymer 'SODIUM ION'
4 non-polymer GLYCEROL
5 non-polymer 1,2-ETHANEDIOL
6 water water
#
_entity_poly.entity_id   1
_entity_poly.type   'polypeptide(L)'
_entity_poly.pdbx_seq_one_letter_code
;SDKKTLNDNRSHHDFTAGEKINYSIETVVPWNIANKKVYTITDNPSKGLIMDADTIQIEGLASNKYTVKKNADNGFTITI
PAANLAAFAGKTLKTTVKGHLSIEDLTLIDTGIPNKATAKVDNEAHHEVKSEEVFTGGKKFVKVDGSNQSKTLAGAQFQL
VIVKNGQVVKYAHGNEKDGYTFDTNNTNVATKTTGENGQFEFAGLKYSESLEAGESYAVKEVKAPTGYDLLKDPVLFTVT
KDSYKTVQAADGQKISNTKKGGFLP
;
_entity_poly.pdbx_strand_id   A
#
# COMPACT_ATOMS: atom_id res chain seq x y z
N SER A 1 -23.84 14.08 11.93
CA SER A 1 -22.52 14.58 12.38
C SER A 1 -21.47 14.19 11.36
N ASP A 2 -20.18 14.51 11.64
CA ASP A 2 -19.13 14.32 10.66
C ASP A 2 -18.79 12.85 10.48
N LYS A 3 -18.20 12.52 9.33
CA LYS A 3 -17.83 11.14 9.04
C LYS A 3 -16.70 11.15 8.03
N LYS A 4 -15.86 10.13 8.11
CA LYS A 4 -14.92 9.80 7.03
C LYS A 4 -15.12 8.32 6.67
N THR A 5 -15.35 8.06 5.38
CA THR A 5 -15.69 6.74 4.91
C THR A 5 -14.60 6.26 3.94
N LEU A 6 -14.18 5.00 4.15
CA LEU A 6 -13.42 4.24 3.18
C LEU A 6 -14.43 3.69 2.16
N ASN A 7 -14.24 4.05 0.89
CA ASN A 7 -15.14 3.62 -0.16
C ASN A 7 -14.54 2.37 -0.80
N ASP A 8 -14.92 1.21 -0.27
CA ASP A 8 -14.37 -0.08 -0.66
C ASP A 8 -15.39 -1.15 -0.31
N ASN A 9 -16.10 -1.66 -1.31
CA ASN A 9 -17.25 -2.53 -1.11
C ASN A 9 -16.81 -3.99 -1.15
N ARG A 10 -15.89 -4.33 -0.27
CA ARG A 10 -15.37 -5.66 -0.03
C ARG A 10 -15.42 -5.95 1.44
N SER A 11 -15.37 -7.24 1.76
CA SER A 11 -15.30 -7.67 3.14
C SER A 11 -13.88 -7.60 3.73
N HIS A 12 -12.88 -7.44 2.88
CA HIS A 12 -11.47 -7.38 3.23
C HIS A 12 -10.92 -6.10 2.58
N HIS A 13 -10.15 -5.33 3.34
CA HIS A 13 -9.68 -4.01 2.94
C HIS A 13 -8.17 -4.01 2.78
N ASP A 14 -7.69 -4.97 1.99
CA ASP A 14 -6.27 -5.12 1.70
C ASP A 14 -5.91 -4.42 0.37
N PHE A 15 -4.75 -3.78 0.38
CA PHE A 15 -4.24 -3.00 -0.77
C PHE A 15 -2.74 -3.27 -0.90
N THR A 16 -2.30 -3.20 -2.16
CA THR A 16 -0.88 -3.18 -2.50
C THR A 16 -0.37 -1.77 -2.34
N ALA A 17 0.86 -1.64 -1.88
CA ALA A 17 1.48 -0.34 -1.78
C ALA A 17 1.39 0.40 -3.12
N GLY A 18 1.00 1.68 -3.05
CA GLY A 18 0.81 2.51 -4.24
C GLY A 18 -0.61 2.51 -4.83
N GLU A 19 -1.40 1.45 -4.60
CA GLU A 19 -2.77 1.41 -5.10
C GLU A 19 -3.57 2.56 -4.52
N LYS A 20 -4.48 3.13 -5.30
CA LYS A 20 -5.30 4.20 -4.79
C LYS A 20 -6.42 3.65 -3.92
N ILE A 21 -6.68 4.41 -2.85
CA ILE A 21 -7.69 4.14 -1.85
C ILE A 21 -8.62 5.34 -1.86
N ASN A 22 -9.92 5.10 -2.01
CA ASN A 22 -10.89 6.18 -2.11
C ASN A 22 -11.56 6.46 -0.78
N TYR A 23 -11.61 7.75 -0.42
CA TYR A 23 -12.27 8.21 0.80
C TYR A 23 -13.28 9.32 0.52
N SER A 24 -14.26 9.41 1.41
CA SER A 24 -15.17 10.53 1.46
C SER A 24 -15.12 11.11 2.87
N ILE A 25 -15.12 12.42 2.97
CA ILE A 25 -15.17 13.13 4.23
C ILE A 25 -16.42 14.00 4.18
N GLU A 26 -17.28 13.87 5.16
CA GLU A 26 -18.49 14.67 5.27
C GLU A 26 -18.45 15.45 6.59
N THR A 27 -18.54 16.76 6.48
CA THR A 27 -18.40 17.65 7.61
C THR A 27 -19.54 18.64 7.62
N VAL A 28 -20.10 18.90 8.78
CA VAL A 28 -21.22 19.78 8.89
C VAL A 28 -20.76 21.23 8.81
N VAL A 29 -21.55 22.02 8.11
CA VAL A 29 -21.35 23.45 8.01
C VAL A 29 -22.43 24.10 8.86
N PRO A 30 -22.06 24.89 9.87
CA PRO A 30 -23.09 25.41 10.76
C PRO A 30 -24.00 26.49 10.14
N TRP A 31 -25.16 26.62 10.78
CA TRP A 31 -26.16 27.62 10.41
C TRP A 31 -25.58 29.03 10.32
N ASN A 32 -24.61 29.31 11.19
CA ASN A 32 -24.07 30.65 11.33
C ASN A 32 -22.70 30.81 10.67
N ILE A 33 -22.37 29.94 9.69
CA ILE A 33 -21.08 30.03 9.02
C ILE A 33 -20.79 31.41 8.45
N ALA A 34 -21.82 32.14 7.94
CA ALA A 34 -21.57 33.43 7.32
C ALA A 34 -21.03 34.46 8.30
N ASN A 35 -21.23 34.23 9.61
CA ASN A 35 -20.76 35.12 10.64
C ASN A 35 -19.44 34.66 11.25
N LYS A 36 -18.76 33.69 10.63
CA LYS A 36 -17.48 33.17 11.07
C LYS A 36 -16.40 33.69 10.13
N LYS A 37 -15.14 33.31 10.35
CA LYS A 37 -14.03 33.71 9.52
C LYS A 37 -13.53 32.58 8.64
N VAL A 38 -13.39 31.36 9.18
CA VAL A 38 -12.68 30.31 8.47
C VAL A 38 -13.25 28.96 8.85
N TYR A 39 -13.23 28.06 7.86
CA TYR A 39 -13.59 26.66 7.99
C TYR A 39 -12.37 25.86 7.58
N THR A 40 -11.89 24.97 8.45
CA THR A 40 -10.68 24.20 8.19
C THR A 40 -11.01 22.70 8.25
N ILE A 41 -10.44 21.91 7.33
CA ILE A 41 -10.46 20.47 7.42
C ILE A 41 -9.02 19.99 7.41
N THR A 42 -8.60 19.31 8.48
CA THR A 42 -7.27 18.76 8.55
C THR A 42 -7.37 17.24 8.48
N ASP A 43 -6.62 16.64 7.57
CA ASP A 43 -6.55 15.20 7.45
C ASP A 43 -5.23 14.70 7.97
N ASN A 44 -5.33 13.80 8.95
CA ASN A 44 -4.19 13.23 9.67
C ASN A 44 -4.16 11.73 9.45
N PRO A 45 -3.51 11.26 8.37
CA PRO A 45 -3.51 9.82 8.10
C PRO A 45 -2.65 9.13 9.15
N SER A 46 -2.97 7.88 9.48
CA SER A 46 -2.07 7.11 10.33
CA SER A 46 -2.09 7.07 10.33
C SER A 46 -0.82 6.71 9.53
N LYS A 47 0.25 6.39 10.27
CA LYS A 47 1.51 6.03 9.64
C LYS A 47 1.29 4.89 8.65
N GLY A 48 1.92 5.04 7.49
CA GLY A 48 1.79 4.12 6.37
C GLY A 48 0.85 4.59 5.28
N LEU A 49 -0.02 5.55 5.59
CA LEU A 49 -0.99 6.05 4.64
C LEU A 49 -0.61 7.48 4.24
N ILE A 50 -0.55 7.70 2.91
CA ILE A 50 -0.21 8.99 2.28
C ILE A 50 -1.46 9.52 1.62
N MET A 51 -1.86 10.75 1.92
CA MET A 51 -2.97 11.36 1.19
C MET A 51 -2.44 12.08 -0.04
N ASP A 52 -3.17 11.95 -1.14
CA ASP A 52 -2.84 12.54 -2.42
C ASP A 52 -3.56 13.89 -2.54
N ALA A 53 -2.89 14.97 -2.13
CA ALA A 53 -3.53 16.27 -2.01
C ALA A 53 -4.07 16.78 -3.34
N ASP A 54 -3.45 16.35 -4.43
CA ASP A 54 -3.90 16.79 -5.79
C ASP A 54 -5.26 16.20 -6.14
N THR A 55 -5.79 15.24 -5.36
CA THR A 55 -7.05 14.55 -5.74
C THR A 55 -8.29 15.08 -5.01
N ILE A 56 -8.09 16.07 -4.14
CA ILE A 56 -9.23 16.60 -3.35
C ILE A 56 -10.25 17.26 -4.25
N GLN A 57 -11.49 16.97 -4.06
CA GLN A 57 -12.62 17.65 -4.71
C GLN A 57 -13.69 17.88 -3.65
N ILE A 58 -14.31 19.05 -3.67
CA ILE A 58 -15.39 19.35 -2.74
C ILE A 58 -16.65 19.59 -3.55
N GLU A 59 -17.69 18.79 -3.29
CA GLU A 59 -18.91 18.87 -4.08
C GLU A 59 -19.50 20.27 -3.95
N GLY A 60 -19.73 20.89 -5.08
CA GLY A 60 -20.38 22.18 -5.13
C GLY A 60 -19.45 23.37 -4.86
N LEU A 61 -18.15 23.13 -4.68
CA LEU A 61 -17.24 24.22 -4.35
C LEU A 61 -16.01 24.15 -5.26
N ALA A 62 -15.85 25.13 -6.14
CA ALA A 62 -14.74 25.17 -7.08
C ALA A 62 -13.40 25.33 -6.35
N SER A 63 -12.34 24.85 -6.98
CA SER A 63 -11.00 24.79 -6.41
C SER A 63 -10.45 26.18 -6.12
N ASN A 64 -11.01 27.24 -6.74
CA ASN A 64 -10.53 28.58 -6.49
C ASN A 64 -11.20 29.20 -5.25
N LYS A 65 -12.02 28.44 -4.51
CA LYS A 65 -12.68 28.91 -3.30
C LYS A 65 -12.05 28.42 -2.00
N TYR A 66 -10.95 27.66 -2.11
CA TYR A 66 -10.30 27.13 -0.94
C TYR A 66 -8.83 26.88 -1.26
N THR A 67 -8.04 26.71 -0.20
CA THR A 67 -6.64 26.41 -0.34
C THR A 67 -6.36 25.03 0.22
N VAL A 68 -5.48 24.28 -0.43
CA VAL A 68 -4.99 22.99 0.03
C VAL A 68 -3.50 23.14 0.31
N LYS A 69 -3.07 22.69 1.47
CA LYS A 69 -1.69 22.66 1.90
C LYS A 69 -1.35 21.23 2.28
N LYS A 70 -0.26 20.68 1.72
CA LYS A 70 0.28 19.39 2.16
C LYS A 70 1.09 19.57 3.43
N ASN A 71 0.92 18.63 4.36
CA ASN A 71 1.53 18.68 5.66
C ASN A 71 2.58 17.59 5.86
N ALA A 72 3.38 17.77 6.90
CA ALA A 72 4.52 16.91 7.20
C ALA A 72 4.12 15.48 7.58
N ASP A 73 2.92 15.26 8.10
CA ASP A 73 2.45 13.93 8.42
C ASP A 73 1.84 13.21 7.24
N ASN A 74 2.03 13.74 6.03
CA ASN A 74 1.51 13.18 4.78
C ASN A 74 0.00 13.35 4.62
N GLY A 75 -0.63 14.16 5.46
CA GLY A 75 -1.98 14.61 5.24
C GLY A 75 -1.98 16.02 4.68
N PHE A 76 -3.06 16.74 4.96
CA PHE A 76 -3.25 18.04 4.32
C PHE A 76 -4.20 18.87 5.15
N THR A 77 -4.23 20.17 4.87
CA THR A 77 -5.20 21.08 5.44
C THR A 77 -5.92 21.77 4.28
N ILE A 78 -7.25 21.76 4.32
CA ILE A 78 -8.12 22.56 3.48
C ILE A 78 -8.56 23.78 4.31
N THR A 79 -8.33 25.00 3.78
CA THR A 79 -8.75 26.22 4.40
C THR A 79 -9.78 26.91 3.53
N ILE A 80 -10.96 27.18 4.06
CA ILE A 80 -12.05 27.78 3.31
C ILE A 80 -12.50 29.06 3.99
N PRO A 81 -12.36 30.22 3.33
CA PRO A 81 -12.98 31.43 3.87
C PRO A 81 -14.46 31.20 4.13
N ALA A 82 -14.90 31.60 5.31
CA ALA A 82 -16.26 31.25 5.75
C ALA A 82 -17.29 31.83 4.76
N ALA A 83 -17.05 33.02 4.21
CA ALA A 83 -17.98 33.64 3.29
C ALA A 83 -18.24 32.74 2.08
N ASN A 84 -17.27 31.92 1.73
CA ASN A 84 -17.43 31.07 0.56
C ASN A 84 -18.39 29.91 0.81
N LEU A 85 -18.72 29.68 2.08
CA LEU A 85 -19.64 28.62 2.48
C LEU A 85 -21.05 29.10 2.83
N ALA A 86 -21.37 30.36 2.56
CA ALA A 86 -22.67 30.90 2.96
C ALA A 86 -23.85 30.04 2.45
N ALA A 87 -23.76 29.55 1.20
CA ALA A 87 -24.85 28.76 0.61
C ALA A 87 -24.96 27.35 1.21
N PHE A 88 -23.96 26.98 2.03
CA PHE A 88 -23.88 25.65 2.64
C PHE A 88 -24.33 25.68 4.11
N ALA A 89 -24.82 26.81 4.60
CA ALA A 89 -25.16 26.91 6.00
C ALA A 89 -26.18 25.81 6.34
N GLY A 90 -25.92 25.06 7.43
CA GLY A 90 -26.79 24.00 7.91
C GLY A 90 -26.72 22.70 7.12
N LYS A 91 -25.87 22.63 6.09
CA LYS A 91 -25.74 21.43 5.29
C LYS A 91 -24.42 20.71 5.55
N THR A 92 -24.24 19.57 4.92
CA THR A 92 -23.02 18.79 5.02
C THR A 92 -22.17 18.99 3.78
N LEU A 93 -20.88 19.28 3.97
CA LEU A 93 -19.92 19.45 2.92
C LEU A 93 -19.31 18.07 2.64
N LYS A 94 -19.25 17.74 1.34
CA LYS A 94 -18.70 16.46 0.96
C LYS A 94 -17.41 16.63 0.18
N THR A 95 -16.32 16.12 0.76
CA THR A 95 -14.99 16.15 0.20
C THR A 95 -14.60 14.72 -0.18
N THR A 96 -14.11 14.53 -1.40
CA THR A 96 -13.56 13.25 -1.79
C THR A 96 -12.06 13.41 -1.99
N VAL A 97 -11.31 12.34 -1.69
CA VAL A 97 -9.86 12.36 -1.78
C VAL A 97 -9.38 10.92 -1.90
N LYS A 98 -8.20 10.74 -2.51
CA LYS A 98 -7.55 9.46 -2.56
C LYS A 98 -6.33 9.48 -1.66
N GLY A 99 -5.95 8.29 -1.23
CA GLY A 99 -4.69 8.04 -0.57
C GLY A 99 -4.06 6.78 -1.13
N HIS A 100 -2.89 6.44 -0.60
CA HIS A 100 -2.24 5.19 -0.94
C HIS A 100 -1.30 4.79 0.19
N LEU A 101 -0.97 3.52 0.26
CA LEU A 101 -0.02 3.06 1.28
C LEU A 101 1.42 3.17 0.76
N SER A 102 2.31 3.61 1.65
CA SER A 102 3.74 3.70 1.45
C SER A 102 4.40 3.28 2.75
N ILE A 103 5.06 2.13 2.77
CA ILE A 103 5.54 1.56 3.99
C ILE A 103 7.03 1.83 4.11
N GLU A 104 7.41 2.58 5.15
CA GLU A 104 8.78 2.90 5.49
C GLU A 104 9.21 2.16 6.77
N ASP A 105 8.28 1.49 7.45
CA ASP A 105 8.49 0.76 8.67
C ASP A 105 7.76 -0.58 8.53
N LEU A 106 8.51 -1.66 8.42
CA LEU A 106 7.93 -2.96 8.07
C LEU A 106 7.07 -3.52 9.20
N THR A 107 7.16 -2.95 10.41
CA THR A 107 6.27 -3.33 11.46
C THR A 107 4.81 -2.93 11.16
N LEU A 108 4.59 -2.13 10.10
CA LEU A 108 3.24 -1.77 9.71
C LEU A 108 2.57 -2.81 8.83
N ILE A 109 3.33 -3.75 8.27
CA ILE A 109 2.72 -4.82 7.48
C ILE A 109 1.78 -5.60 8.40
N ASP A 110 0.60 -5.97 7.89
CA ASP A 110 -0.39 -6.77 8.61
C ASP A 110 -0.95 -6.05 9.83
N THR A 111 -1.00 -4.73 9.76
CA THR A 111 -1.63 -3.89 10.77
C THR A 111 -2.65 -2.97 10.14
N GLY A 112 -3.70 -2.60 10.88
CA GLY A 112 -4.77 -1.77 10.32
C GLY A 112 -4.37 -0.31 10.38
N ILE A 113 -4.61 0.38 9.26
CA ILE A 113 -4.16 1.76 9.07
C ILE A 113 -5.36 2.61 8.72
N PRO A 114 -5.90 3.45 9.64
CA PRO A 114 -7.04 4.30 9.34
C PRO A 114 -6.61 5.67 8.82
N ASN A 115 -7.51 6.33 8.09
CA ASN A 115 -7.43 7.76 7.89
C ASN A 115 -8.21 8.48 8.99
N LYS A 116 -7.78 9.69 9.33
CA LYS A 116 -8.48 10.51 10.33
C LYS A 116 -8.62 11.92 9.77
N ALA A 117 -9.66 12.63 10.17
CA ALA A 117 -9.81 14.02 9.80
C ALA A 117 -10.55 14.78 10.91
N THR A 118 -10.32 16.09 10.97
CA THR A 118 -10.97 16.98 11.94
C THR A 118 -11.35 18.29 11.24
N ALA A 119 -12.63 18.64 11.28
CA ALA A 119 -13.09 19.94 10.83
C ALA A 119 -13.08 20.93 12.01
N LYS A 120 -12.92 22.22 11.72
CA LYS A 120 -12.88 23.26 12.71
C LYS A 120 -13.50 24.53 12.15
N VAL A 121 -14.34 25.19 12.93
CA VAL A 121 -14.96 26.45 12.56
C VAL A 121 -14.36 27.51 13.45
N ASP A 122 -13.63 28.46 12.85
CA ASP A 122 -12.81 29.39 13.61
C ASP A 122 -11.86 28.59 14.52
N ASN A 123 -11.94 28.73 15.85
CA ASN A 123 -11.09 27.97 16.74
C ASN A 123 -11.74 26.71 17.30
N GLU A 124 -13.00 26.48 16.97
CA GLU A 124 -13.78 25.43 17.61
C GLU A 124 -13.79 24.15 16.77
N ALA A 125 -13.12 23.13 17.29
CA ALA A 125 -12.98 21.87 16.61
C ALA A 125 -14.25 21.04 16.74
N HIS A 126 -14.63 20.37 15.65
CA HIS A 126 -15.49 19.20 15.73
C HIS A 126 -14.68 18.01 16.24
N HIS A 127 -15.38 16.93 16.57
CA HIS A 127 -14.71 15.72 17.00
C HIS A 127 -14.02 15.08 15.79
N GLU A 128 -12.84 14.49 16.03
CA GLU A 128 -12.10 13.79 14.98
C GLU A 128 -12.89 12.59 14.48
N VAL A 129 -12.88 12.37 13.18
CA VAL A 129 -13.52 11.23 12.58
C VAL A 129 -12.44 10.33 11.99
N LYS A 130 -12.76 9.03 11.90
CA LYS A 130 -11.86 8.00 11.42
C LYS A 130 -12.59 7.12 10.42
N SER A 131 -11.83 6.70 9.40
CA SER A 131 -12.32 5.72 8.44
C SER A 131 -12.08 4.31 8.98
N GLU A 132 -12.63 3.31 8.29
CA GLU A 132 -12.19 1.95 8.47
C GLU A 132 -10.69 1.85 8.17
N GLU A 133 -10.09 0.82 8.72
CA GLU A 133 -8.69 0.51 8.55
C GLU A 133 -8.45 -0.27 7.26
N VAL A 134 -7.34 0.07 6.59
CA VAL A 134 -6.83 -0.72 5.47
C VAL A 134 -5.61 -1.48 5.92
N PHE A 135 -5.25 -2.52 5.16
CA PHE A 135 -4.14 -3.44 5.47
C PHE A 135 -3.33 -3.70 4.21
N THR A 136 -2.07 -4.05 4.40
CA THR A 136 -1.27 -4.64 3.33
C THR A 136 -0.47 -5.80 3.91
N GLY A 137 -0.10 -6.75 3.08
CA GLY A 137 0.50 -8.01 3.49
C GLY A 137 1.85 -8.21 2.90
N GLY A 138 2.35 -9.43 2.98
CA GLY A 138 3.64 -9.75 2.40
C GLY A 138 3.96 -11.22 2.54
N LYS A 139 5.16 -11.58 2.09
CA LYS A 139 5.63 -12.95 2.15
C LYS A 139 7.14 -12.94 2.28
N LYS A 140 7.65 -13.85 3.14
CA LYS A 140 9.09 -14.07 3.34
C LYS A 140 9.48 -15.43 2.78
N PHE A 141 10.74 -15.51 2.31
CA PHE A 141 11.28 -16.69 1.63
C PHE A 141 12.72 -16.94 2.07
N VAL A 142 13.16 -18.18 1.88
CA VAL A 142 14.54 -18.55 2.15
C VAL A 142 15.02 -19.45 1.03
N LYS A 143 16.14 -19.06 0.41
CA LYS A 143 16.77 -19.87 -0.63
C LYS A 143 17.66 -20.92 0.00
N VAL A 144 17.42 -22.20 -0.32
CA VAL A 144 18.15 -23.30 0.30
C VAL A 144 18.61 -24.32 -0.75
N ASP A 145 19.53 -25.19 -0.34
CA ASP A 145 19.91 -26.37 -1.11
C ASP A 145 18.80 -27.42 -1.06
N GLY A 146 18.39 -27.91 -2.23
CA GLY A 146 17.26 -28.85 -2.33
C GLY A 146 17.45 -30.18 -1.62
N SER A 147 18.71 -30.63 -1.53
CA SER A 147 19.03 -31.90 -0.87
C SER A 147 19.56 -31.72 0.55
N ASN A 148 19.75 -30.49 0.97
CA ASN A 148 20.14 -30.16 2.33
C ASN A 148 19.51 -28.83 2.68
N GLN A 149 18.21 -28.87 3.03
CA GLN A 149 17.41 -27.67 3.14
C GLN A 149 17.82 -26.80 4.32
N SER A 150 18.79 -27.25 5.13
CA SER A 150 19.34 -26.44 6.22
C SER A 150 20.39 -25.45 5.71
N LYS A 151 20.92 -25.69 4.53
CA LYS A 151 21.94 -24.84 3.93
C LYS A 151 21.26 -23.70 3.18
N THR A 152 21.53 -22.47 3.63
CA THR A 152 20.98 -21.27 3.02
C THR A 152 21.99 -20.68 2.05
N LEU A 153 21.50 -20.05 0.99
CA LEU A 153 22.32 -19.70 -0.16
C LEU A 153 22.30 -18.21 -0.51
N ALA A 154 23.47 -17.64 -0.66
CA ALA A 154 23.70 -16.24 -1.04
C ALA A 154 23.78 -16.09 -2.54
N GLY A 155 23.41 -14.90 -3.00
CA GLY A 155 23.63 -14.50 -4.38
C GLY A 155 22.48 -14.84 -5.33
N ALA A 156 21.39 -15.43 -4.83
CA ALA A 156 20.25 -15.66 -5.73
C ALA A 156 19.51 -14.34 -5.92
N GLN A 157 18.96 -14.14 -7.12
CA GLN A 157 18.12 -13.00 -7.38
C GLN A 157 16.76 -13.47 -7.81
N PHE A 158 15.69 -12.86 -7.24
CA PHE A 158 14.33 -13.22 -7.57
C PHE A 158 13.52 -11.98 -7.90
N GLN A 159 12.75 -12.10 -9.01
CA GLN A 159 11.77 -11.10 -9.39
C GLN A 159 10.38 -11.47 -8.85
N LEU A 160 9.58 -10.43 -8.57
CA LEU A 160 8.15 -10.60 -8.25
C LEU A 160 7.34 -10.54 -9.54
N VAL A 161 6.55 -11.57 -9.78
CA VAL A 161 5.75 -11.67 -10.99
C VAL A 161 4.34 -12.18 -10.65
N ILE A 162 3.46 -12.17 -11.66
CA ILE A 162 2.14 -12.76 -11.57
C ILE A 162 2.06 -13.81 -12.65
N VAL A 163 1.54 -15.01 -12.34
CA VAL A 163 1.35 -16.09 -13.28
C VAL A 163 -0.14 -16.37 -13.43
N LYS A 164 -0.54 -16.81 -14.65
CA LYS A 164 -1.90 -17.20 -14.96
C LYS A 164 -1.83 -18.10 -16.18
N ASN A 165 -2.65 -19.16 -16.17
CA ASN A 165 -2.72 -20.05 -17.32
C ASN A 165 -1.34 -20.61 -17.72
N GLY A 166 -0.50 -20.85 -16.73
CA GLY A 166 0.78 -21.49 -17.04
C GLY A 166 1.85 -20.56 -17.55
N GLN A 167 1.64 -19.25 -17.50
CA GLN A 167 2.59 -18.31 -18.02
C GLN A 167 2.81 -17.15 -17.04
N VAL A 168 3.98 -16.53 -17.11
CA VAL A 168 4.17 -15.24 -16.47
C VAL A 168 3.40 -14.21 -17.27
N VAL A 169 2.44 -13.50 -16.68
CA VAL A 169 1.59 -12.53 -17.37
C VAL A 169 1.93 -11.11 -16.97
N LYS A 170 2.47 -10.89 -15.75
CA LYS A 170 2.80 -9.53 -15.34
C LYS A 170 4.09 -9.56 -14.55
N TYR A 171 4.81 -8.46 -14.57
CA TYR A 171 6.03 -8.21 -13.85
C TYR A 171 5.82 -7.04 -12.93
N ALA A 172 6.25 -7.17 -11.67
CA ALA A 172 6.18 -6.05 -10.74
C ALA A 172 7.30 -5.04 -10.95
N HIS A 173 7.01 -3.79 -10.67
CA HIS A 173 8.00 -2.71 -10.60
C HIS A 173 7.78 -1.96 -9.29
N GLY A 174 8.85 -1.46 -8.73
CA GLY A 174 8.74 -0.67 -7.51
C GLY A 174 9.05 -1.45 -6.25
N ASN A 175 8.44 -1.00 -5.14
CA ASN A 175 8.74 -1.58 -3.84
C ASN A 175 7.67 -1.13 -2.86
N GLU A 176 7.77 -1.53 -1.56
CA GLU A 176 6.71 -1.23 -0.59
C GLU A 176 6.62 0.25 -0.21
N LYS A 177 7.71 1.01 -0.41
CA LYS A 177 7.74 2.44 -0.14
C LYS A 177 7.24 3.22 -1.33
N ASP A 178 7.89 3.04 -2.46
CA ASP A 178 7.58 3.79 -3.66
C ASP A 178 6.27 3.35 -4.31
N GLY A 179 5.78 2.17 -3.95
CA GLY A 179 4.61 1.60 -4.56
C GLY A 179 5.00 0.60 -5.64
N TYR A 180 4.06 -0.31 -5.92
CA TYR A 180 4.22 -1.26 -6.98
C TYR A 180 3.29 -0.96 -8.14
N THR A 181 3.78 -1.27 -9.35
CA THR A 181 2.93 -1.43 -10.51
C THR A 181 3.21 -2.78 -11.13
N PHE A 182 2.25 -3.31 -11.85
CA PHE A 182 2.38 -4.63 -12.49
C PHE A 182 1.94 -4.51 -13.95
N ASP A 183 2.78 -4.90 -14.91
CA ASP A 183 2.44 -4.75 -16.31
C ASP A 183 3.22 -5.81 -17.10
N THR A 184 3.19 -5.73 -18.42
CA THR A 184 3.78 -6.75 -19.27
C THR A 184 5.24 -6.47 -19.63
N ASN A 185 5.82 -5.42 -19.06
CA ASN A 185 7.19 -4.97 -19.35
C ASN A 185 8.19 -5.70 -18.46
N ASN A 186 8.96 -6.61 -19.03
CA ASN A 186 9.96 -7.41 -18.36
C ASN A 186 11.31 -6.68 -18.29
N THR A 187 11.29 -5.44 -17.84
CA THR A 187 12.50 -4.68 -17.55
C THR A 187 12.25 -3.93 -16.24
N ASN A 188 13.33 -3.50 -15.61
CA ASN A 188 13.22 -2.77 -14.33
C ASN A 188 12.28 -3.51 -13.37
N VAL A 189 12.45 -4.81 -13.29
CA VAL A 189 11.53 -5.63 -12.47
C VAL A 189 11.97 -5.58 -11.02
N ALA A 190 10.97 -5.52 -10.12
CA ALA A 190 11.21 -5.61 -8.66
C ALA A 190 11.95 -6.92 -8.33
N THR A 191 13.17 -6.79 -7.80
CA THR A 191 14.07 -7.91 -7.59
C THR A 191 14.75 -7.79 -6.22
N LYS A 192 14.96 -8.94 -5.60
CA LYS A 192 15.70 -9.03 -4.35
C LYS A 192 16.86 -10.00 -4.55
N THR A 193 17.94 -9.77 -3.80
CA THR A 193 19.11 -10.61 -3.78
C THR A 193 19.31 -11.17 -2.38
N THR A 194 19.70 -12.46 -2.28
CA THR A 194 19.95 -13.08 -0.99
C THR A 194 21.38 -12.89 -0.53
N GLY A 195 21.55 -12.77 0.78
CA GLY A 195 22.84 -12.87 1.41
C GLY A 195 23.00 -14.26 2.00
N GLU A 196 24.01 -14.43 2.85
CA GLU A 196 24.41 -15.76 3.28
C GLU A 196 23.29 -16.47 4.02
N ASN A 197 22.36 -15.73 4.65
CA ASN A 197 21.25 -16.36 5.36
C ASN A 197 20.09 -16.78 4.43
N GLY A 198 20.23 -16.55 3.12
CA GLY A 198 19.25 -17.02 2.15
C GLY A 198 17.96 -16.21 2.08
N GLN A 199 17.81 -15.20 2.93
CA GLN A 199 16.50 -14.59 3.13
C GLN A 199 16.19 -13.53 2.07
N PHE A 200 14.91 -13.49 1.68
CA PHE A 200 14.41 -12.33 0.93
C PHE A 200 12.89 -12.28 1.15
N GLU A 201 12.28 -11.15 0.79
CA GLU A 201 10.86 -11.00 1.00
C GLU A 201 10.30 -9.97 0.03
N PHE A 202 8.98 -10.03 -0.14
CA PHE A 202 8.25 -8.95 -0.80
C PHE A 202 7.10 -8.55 0.12
N ALA A 203 7.13 -7.29 0.54
CA ALA A 203 6.15 -6.73 1.44
C ALA A 203 5.34 -5.65 0.75
N GLY A 204 4.17 -5.32 1.30
CA GLY A 204 3.30 -4.32 0.72
C GLY A 204 2.43 -4.86 -0.41
N LEU A 205 1.97 -6.08 -0.34
CA LEU A 205 1.16 -6.77 -1.34
C LEU A 205 -0.22 -7.05 -0.79
N LYS A 206 -1.26 -6.83 -1.58
CA LYS A 206 -2.60 -7.25 -1.23
C LYS A 206 -2.68 -8.77 -1.22
N TYR A 207 -3.73 -9.26 -0.57
CA TYR A 207 -3.90 -10.71 -0.43
C TYR A 207 -4.13 -11.36 -1.78
N SER A 208 -3.77 -12.63 -1.88
CA SER A 208 -4.01 -13.40 -3.10
C SER A 208 -5.46 -13.48 -3.47
N GLU A 209 -6.36 -13.49 -2.50
CA GLU A 209 -7.79 -13.50 -2.80
C GLU A 209 -8.24 -12.24 -3.53
N SER A 210 -7.46 -11.16 -3.50
CA SER A 210 -7.82 -9.94 -4.19
C SER A 210 -7.25 -9.86 -5.59
N LEU A 211 -6.45 -10.82 -6.01
CA LEU A 211 -5.94 -10.85 -7.40
C LEU A 211 -7.10 -11.18 -8.35
N GLU A 212 -6.88 -10.88 -9.64
CA GLU A 212 -7.90 -11.23 -10.68
C GLU A 212 -8.00 -12.75 -10.76
N ALA A 213 -9.17 -13.19 -11.21
CA ALA A 213 -9.39 -14.63 -11.35
C ALA A 213 -8.25 -15.29 -12.14
N GLY A 214 -7.78 -16.37 -11.58
CA GLY A 214 -6.77 -17.20 -12.21
C GLY A 214 -5.33 -16.77 -11.94
N GLU A 215 -5.13 -15.61 -11.32
CA GLU A 215 -3.78 -15.11 -11.08
C GLU A 215 -3.22 -15.64 -9.77
N SER A 216 -1.90 -15.86 -9.76
CA SER A 216 -1.15 -16.09 -8.52
C SER A 216 0.09 -15.23 -8.51
N TYR A 217 0.51 -14.78 -7.31
CA TYR A 217 1.85 -14.28 -7.17
C TYR A 217 2.83 -15.43 -7.39
N ALA A 218 4.03 -15.06 -7.82
CA ALA A 218 5.15 -15.98 -7.88
C ALA A 218 6.44 -15.19 -7.80
N VAL A 219 7.53 -15.88 -7.45
CA VAL A 219 8.86 -15.34 -7.54
C VAL A 219 9.60 -16.10 -8.63
N LYS A 220 10.36 -15.38 -9.46
CA LYS A 220 11.08 -15.96 -10.59
C LYS A 220 12.57 -15.74 -10.40
N GLU A 221 13.32 -16.83 -10.28
CA GLU A 221 14.77 -16.73 -10.12
C GLU A 221 15.39 -16.25 -11.44
N VAL A 222 16.22 -15.22 -11.33
CA VAL A 222 16.91 -14.68 -12.51
C VAL A 222 18.45 -14.70 -12.36
N LYS A 223 18.94 -15.06 -11.16
CA LYS A 223 20.33 -15.38 -10.97
C LYS A 223 20.39 -16.48 -9.93
N ALA A 224 21.13 -17.54 -10.23
CA ALA A 224 21.28 -18.65 -9.31
C ALA A 224 22.38 -18.36 -8.30
N PRO A 225 22.27 -18.90 -7.06
CA PRO A 225 23.40 -18.88 -6.14
C PRO A 225 24.59 -19.61 -6.76
N THR A 226 25.80 -19.26 -6.33
CA THR A 226 27.02 -19.85 -6.84
C THR A 226 26.99 -21.36 -6.66
N GLY A 227 27.28 -22.08 -7.75
CA GLY A 227 27.34 -23.53 -7.69
C GLY A 227 25.99 -24.22 -8.01
N TYR A 228 24.95 -23.45 -8.34
CA TYR A 228 23.59 -23.97 -8.54
C TYR A 228 23.07 -23.62 -9.93
N ASP A 229 22.07 -24.41 -10.36
CA ASP A 229 21.37 -24.27 -11.63
C ASP A 229 20.23 -23.29 -11.53
N LEU A 230 20.09 -22.37 -12.46
CA LEU A 230 18.96 -21.45 -12.46
C LEU A 230 17.65 -22.23 -12.56
N LEU A 231 16.69 -21.93 -11.67
CA LEU A 231 15.39 -22.60 -11.71
C LEU A 231 14.74 -22.38 -13.06
N LYS A 232 14.05 -23.42 -13.55
CA LYS A 232 13.35 -23.35 -14.80
C LYS A 232 12.05 -22.56 -14.70
N ASP A 233 11.34 -22.69 -13.61
CA ASP A 233 9.97 -22.22 -13.50
C ASP A 233 9.81 -21.33 -12.27
N PRO A 234 8.86 -20.39 -12.32
CA PRO A 234 8.56 -19.61 -11.12
C PRO A 234 8.12 -20.47 -9.94
N VAL A 235 8.16 -19.83 -8.79
CA VAL A 235 7.77 -20.41 -7.51
C VAL A 235 6.53 -19.67 -6.98
N LEU A 236 5.41 -20.38 -6.92
CA LEU A 236 4.16 -19.74 -6.51
C LEU A 236 4.14 -19.51 -5.01
N PHE A 237 3.45 -18.43 -4.60
CA PHE A 237 3.22 -18.20 -3.17
C PHE A 237 1.87 -17.52 -2.99
N THR A 238 1.42 -17.54 -1.74
CA THR A 238 0.14 -16.99 -1.32
C THR A 238 0.38 -15.91 -0.28
N VAL A 239 -0.37 -14.79 -0.36
CA VAL A 239 -0.41 -13.75 0.66
C VAL A 239 -1.79 -13.79 1.27
N THR A 240 -1.81 -13.87 2.63
CA THR A 240 -3.06 -13.83 3.40
C THR A 240 -2.86 -12.86 4.55
N LYS A 241 -3.94 -12.55 5.27
CA LYS A 241 -3.81 -11.76 6.48
C LYS A 241 -2.83 -12.50 7.40
N ASP A 242 -1.83 -11.76 7.85
CA ASP A 242 -0.83 -12.20 8.81
C ASP A 242 0.22 -13.16 8.25
N SER A 243 0.28 -13.37 6.91
CA SER A 243 1.30 -14.25 6.36
C SER A 243 2.72 -13.67 6.54
N TYR A 244 2.85 -12.36 6.64
CA TYR A 244 4.16 -11.72 6.82
C TYR A 244 4.55 -11.65 8.29
N LYS A 245 3.71 -11.00 9.10
CA LYS A 245 4.17 -10.63 10.44
C LYS A 245 4.33 -11.82 11.39
N THR A 246 3.67 -12.91 11.09
CA THR A 246 3.69 -14.01 12.09
C THR A 246 4.86 -14.96 11.86
N VAL A 247 5.76 -14.67 10.92
CA VAL A 247 6.92 -15.61 10.77
C VAL A 247 8.21 -14.79 10.78
N GLN A 248 9.20 -15.30 11.50
CA GLN A 248 10.54 -14.71 11.39
C GLN A 248 11.08 -14.94 9.97
N ALA A 249 11.98 -14.06 9.58
CA ALA A 249 12.51 -14.18 8.22
C ALA A 249 13.18 -15.54 7.98
N ALA A 250 13.86 -16.12 8.99
CA ALA A 250 14.52 -17.40 8.77
C ALA A 250 13.53 -18.56 8.57
N ASP A 251 12.24 -18.33 8.88
CA ASP A 251 11.18 -19.31 8.70
C ASP A 251 10.34 -19.00 7.47
N GLY A 252 10.87 -18.20 6.54
CA GLY A 252 10.22 -17.97 5.27
C GLY A 252 10.03 -19.24 4.46
N GLN A 253 9.20 -19.15 3.43
CA GLN A 253 8.94 -20.26 2.53
C GLN A 253 10.24 -20.69 1.87
N LYS A 254 10.59 -21.96 2.02
CA LYS A 254 11.85 -22.49 1.50
C LYS A 254 11.73 -22.74 0.00
N ILE A 255 12.77 -22.31 -0.72
CA ILE A 255 12.88 -22.52 -2.17
C ILE A 255 14.13 -23.35 -2.43
N SER A 256 13.94 -24.54 -3.00
CA SER A 256 15.03 -25.48 -3.24
C SER A 256 15.80 -25.14 -4.51
N ASN A 257 17.12 -25.37 -4.47
CA ASN A 257 18.02 -25.17 -5.59
C ASN A 257 18.89 -26.44 -5.75
N THR A 258 19.25 -26.72 -6.98
CA THR A 258 19.99 -27.93 -7.34
C THR A 258 21.38 -27.54 -7.82
N LYS A 259 22.41 -28.30 -7.40
CA LYS A 259 23.78 -27.99 -7.78
C LYS A 259 23.98 -28.22 -9.28
N LYS A 260 24.99 -27.55 -9.78
CA LYS A 260 25.36 -27.55 -11.19
C LYS A 260 26.87 -27.70 -11.30
N GLY A 261 27.31 -28.30 -12.40
CA GLY A 261 28.71 -28.27 -12.74
C GLY A 261 29.24 -26.87 -13.05
N GLY A 262 30.56 -26.73 -12.98
CA GLY A 262 31.23 -25.48 -13.29
C GLY A 262 31.64 -25.35 -14.74
N PHE A 263 32.47 -24.35 -15.00
CA PHE A 263 33.01 -24.11 -16.31
C PHE A 263 34.51 -23.96 -16.15
N LEU A 264 35.22 -24.20 -17.25
CA LEU A 264 36.67 -23.97 -17.29
C LEU A 264 36.98 -22.52 -17.62
N PRO A 265 37.82 -21.85 -16.84
CA PRO A 265 38.12 -20.46 -17.12
C PRO A 265 39.16 -20.35 -18.24
#